data_2YC0
#
_entry.id   2YC0
#
_cell.length_a   86.794
_cell.length_b   86.794
_cell.length_c   147.759
_cell.angle_alpha   90.00
_cell.angle_beta   90.00
_cell.angle_gamma   90.00
#
_symmetry.space_group_name_H-M   'P 41 21 2'
#
loop_
_entity.id
_entity.type
_entity.pdbx_description
1 polymer 'HYPOXIA-INDUCIBLE FACTOR 1-ALPHA INHIBITOR'
2 non-polymer 'FE (II) ION'
3 non-polymer '(2R)-2-hydroxypentanedioic acid'
4 non-polymer GLYCEROL
5 non-polymer 'SULFATE ION'
6 water water
#
_entity_poly.entity_id   1
_entity_poly.type   'polypeptide(L)'
_entity_poly.pdbx_seq_one_letter_code
;GSHMAATAAEAVASGSGEPREEAGALGPAWDESQLRSYSFPTRPIPRLSQSDPRAEELIENEEPVVLTDTNLVYPALKWD
LEYLQENIGNGDFSVYSASTHKFLYYDEKKMANFQNFKPRSNREEMKFHEFVEKLQDIQQRGGEERLYLQQTLNDTVGRK
IVMDFLGFNWNWINKQQGKRGWGQLTSNLLLIGMEGNVTPAHYDEQQNFFAQIKGYKRCILFPPDQFECLYPYPVHHPCD
RQSQVDFDNPDYERFPNFQNVVGYETVVGPGDVLYIPMYWWHHIESLLNGGITITVNFWYKGAPTPKRIEYPLKAHQKVA
IMRNIEKMLGEALGNPQEVGPLLNTMIKGRYN
;
_entity_poly.pdbx_strand_id   A
#
# COMPACT_ATOMS: atom_id res chain seq x y z
N MET A 4 20.38 12.63 -26.57
CA MET A 4 19.23 11.73 -26.87
C MET A 4 18.23 11.66 -25.72
N ALA A 5 16.96 11.76 -26.06
CA ALA A 5 15.90 11.69 -25.07
C ALA A 5 15.88 10.28 -24.49
N ALA A 6 16.34 9.34 -25.29
CA ALA A 6 16.40 7.95 -24.86
C ALA A 6 17.33 7.83 -23.66
N THR A 7 18.54 8.34 -23.81
CA THR A 7 19.53 8.30 -22.72
C THR A 7 19.03 9.11 -21.52
N ALA A 8 18.47 10.29 -21.79
CA ALA A 8 17.95 11.15 -20.74
C ALA A 8 16.89 10.40 -19.93
N ALA A 9 16.03 9.66 -20.64
CA ALA A 9 14.97 8.86 -20.02
C ALA A 9 15.59 7.75 -19.18
N GLU A 10 16.63 7.12 -19.70
CA GLU A 10 17.31 6.04 -18.99
C GLU A 10 18.04 6.58 -17.74
N ALA A 11 18.11 7.90 -17.62
CA ALA A 11 18.78 8.53 -16.49
C ALA A 11 17.79 8.96 -15.41
N VAL A 12 16.73 9.68 -15.81
CA VAL A 12 15.73 10.14 -14.84
C VAL A 12 15.02 8.93 -14.24
N ALA A 13 15.21 7.77 -14.85
CA ALA A 13 14.62 6.54 -14.36
C ALA A 13 15.64 5.96 -13.39
N SER A 14 15.94 6.72 -12.34
CA SER A 14 16.93 6.32 -11.33
C SER A 14 16.35 5.49 -10.19
N GLY A 15 15.03 5.28 -10.19
CA GLY A 15 14.42 4.50 -9.13
C GLY A 15 14.57 5.14 -7.76
N SER A 16 15.01 4.36 -6.76
CA SER A 16 15.19 4.87 -5.40
C SER A 16 16.50 5.68 -5.29
N GLY A 17 17.26 5.70 -6.37
CA GLY A 17 18.52 6.44 -6.37
C GLY A 17 19.60 5.84 -5.49
N GLU A 18 20.65 6.61 -5.25
CA GLU A 18 21.76 6.16 -4.42
C GLU A 18 21.32 5.96 -2.96
N PRO A 19 21.59 4.78 -2.40
CA PRO A 19 21.22 4.48 -1.00
C PRO A 19 21.75 5.52 -0.03
N ARG A 20 20.89 5.99 0.87
CA ARG A 20 21.31 7.01 1.84
C ARG A 20 22.31 6.45 2.87
N GLU A 21 23.08 7.35 3.47
CA GLU A 21 24.06 6.96 4.48
C GLU A 21 23.52 7.27 5.89
N GLU A 22 23.55 6.28 6.77
CA GLU A 22 23.06 6.47 8.13
C GLU A 22 24.06 7.27 8.96
N ALA A 23 23.54 8.24 9.71
CA ALA A 23 24.37 9.10 10.54
C ALA A 23 25.32 8.33 11.46
N GLY A 24 26.47 8.95 11.74
CA GLY A 24 27.45 8.31 12.59
C GLY A 24 28.30 7.33 11.82
N ALA A 25 28.28 7.44 10.48
CA ALA A 25 29.06 6.56 9.60
C ALA A 25 28.73 5.10 9.86
N LEU A 26 27.45 4.82 10.11
CA LEU A 26 27.03 3.46 10.39
C LEU A 26 26.81 2.66 9.10
N GLY A 27 27.22 3.25 7.98
CA GLY A 27 27.10 2.57 6.70
C GLY A 27 25.85 2.84 5.88
N PRO A 28 25.73 2.21 4.70
CA PRO A 28 24.57 2.38 3.82
C PRO A 28 23.32 1.75 4.44
N ALA A 29 22.22 2.49 4.42
CA ALA A 29 20.98 1.98 4.97
C ALA A 29 20.66 0.61 4.36
N TRP A 30 20.83 0.52 3.04
CA TRP A 30 20.56 -0.71 2.29
C TRP A 30 21.34 -0.69 0.97
N ASP A 31 21.27 -1.78 0.21
CA ASP A 31 21.98 -1.83 -1.07
C ASP A 31 21.09 -2.45 -2.14
N GLU A 32 21.32 -2.05 -3.38
CA GLU A 32 20.55 -2.52 -4.53
C GLU A 32 20.14 -3.98 -4.54
N SER A 33 21.04 -4.88 -4.11
CA SER A 33 20.73 -6.31 -4.12
C SER A 33 19.56 -6.70 -3.22
N GLN A 34 19.11 -5.76 -2.40
CA GLN A 34 18.01 -6.03 -1.49
C GLN A 34 16.66 -5.73 -2.16
N LEU A 35 16.71 -5.20 -3.37
CA LEU A 35 15.51 -4.84 -4.14
C LEU A 35 15.21 -5.91 -5.18
N ARG A 36 13.93 -6.25 -5.37
CA ARG A 36 13.57 -7.24 -6.37
C ARG A 36 13.66 -6.57 -7.74
N SER A 37 13.77 -7.36 -8.81
CA SER A 37 13.89 -6.79 -10.15
C SER A 37 12.60 -6.95 -10.95
N TYR A 38 12.17 -5.86 -11.57
CA TYR A 38 10.94 -5.85 -12.35
C TYR A 38 11.21 -5.39 -13.78
N SER A 39 10.23 -5.60 -14.64
CA SER A 39 10.35 -5.27 -16.06
C SER A 39 10.01 -3.86 -16.46
N PHE A 40 9.64 -3.03 -15.49
CA PHE A 40 9.26 -1.67 -15.83
C PHE A 40 10.22 -0.64 -15.24
N PRO A 41 10.24 0.57 -15.82
CA PRO A 41 11.11 1.65 -15.36
C PRO A 41 10.41 2.42 -14.26
N THR A 42 11.19 3.10 -13.41
CA THR A 42 10.65 3.90 -12.31
C THR A 42 11.48 5.16 -12.03
N ARG A 43 10.80 6.26 -11.77
CA ARG A 43 11.45 7.53 -11.44
C ARG A 43 11.32 7.68 -9.92
N PRO A 44 12.19 8.48 -9.29
CA PRO A 44 12.14 8.66 -7.84
C PRO A 44 11.06 9.59 -7.31
N ILE A 45 10.55 9.27 -6.12
CA ILE A 45 9.56 10.11 -5.48
C ILE A 45 10.36 11.17 -4.70
N PRO A 46 9.91 12.42 -4.69
CA PRO A 46 10.63 13.46 -3.96
C PRO A 46 10.70 13.22 -2.45
N ARG A 47 11.90 13.31 -1.87
CA ARG A 47 12.12 13.16 -0.42
C ARG A 47 12.37 14.57 0.06
N LEU A 48 11.41 15.14 0.77
CA LEU A 48 11.51 16.52 1.25
C LEU A 48 11.24 16.71 2.74
N SER A 49 11.35 17.96 3.17
CA SER A 49 11.10 18.35 4.55
C SER A 49 9.68 18.87 4.59
N GLN A 50 8.99 18.58 5.68
CA GLN A 50 7.63 19.02 5.84
C GLN A 50 7.53 20.54 5.84
N SER A 51 8.66 21.23 6.02
CA SER A 51 8.64 22.70 6.02
C SER A 51 8.88 23.23 4.61
N ASP A 52 9.26 22.34 3.70
CA ASP A 52 9.51 22.70 2.31
C ASP A 52 8.18 22.94 1.59
N PRO A 53 8.00 24.12 0.99
CA PRO A 53 6.76 24.44 0.28
C PRO A 53 6.45 23.43 -0.82
N ARG A 54 7.49 22.87 -1.44
CA ARG A 54 7.29 21.91 -2.50
C ARG A 54 6.53 20.68 -2.01
N ALA A 55 6.74 20.31 -0.76
CA ALA A 55 6.06 19.14 -0.21
C ALA A 55 4.58 19.44 -0.04
N GLU A 56 4.28 20.61 0.47
CA GLU A 56 2.90 21.04 0.68
C GLU A 56 2.21 21.12 -0.68
N GLU A 57 3.02 21.44 -1.70
CA GLU A 57 2.53 21.58 -3.07
C GLU A 57 2.11 20.23 -3.64
N LEU A 58 2.95 19.23 -3.42
CA LEU A 58 2.68 17.89 -3.90
C LEU A 58 1.45 17.30 -3.25
N ILE A 59 1.34 17.44 -1.92
CA ILE A 59 0.20 16.89 -1.21
C ILE A 59 -1.09 17.57 -1.66
N GLU A 60 -1.02 18.88 -1.87
CA GLU A 60 -2.17 19.64 -2.31
C GLU A 60 -2.62 19.16 -3.70
N ASN A 61 -1.65 18.81 -4.54
CA ASN A 61 -1.94 18.34 -5.90
C ASN A 61 -2.14 16.83 -6.02
N GLU A 62 -2.34 16.18 -4.88
CA GLU A 62 -2.54 14.73 -4.86
C GLU A 62 -1.41 14.00 -5.55
N GLU A 63 -0.18 14.27 -5.13
CA GLU A 63 0.99 13.60 -5.71
C GLU A 63 1.83 13.08 -4.56
N PRO A 64 2.41 11.88 -4.71
CA PRO A 64 3.23 11.26 -3.66
C PRO A 64 4.46 12.07 -3.26
N VAL A 65 4.83 11.95 -2.00
CA VAL A 65 6.00 12.65 -1.49
C VAL A 65 6.40 12.02 -0.19
N VAL A 66 7.71 11.91 0.03
CA VAL A 66 8.20 11.35 1.28
C VAL A 66 8.63 12.52 2.18
N LEU A 67 8.03 12.60 3.37
CA LEU A 67 8.35 13.63 4.37
C LEU A 67 9.33 12.98 5.32
N THR A 68 10.51 13.59 5.44
CA THR A 68 11.60 13.06 6.26
C THR A 68 11.64 13.48 7.74
N ASP A 69 10.96 14.57 8.09
CA ASP A 69 11.00 15.06 9.46
C ASP A 69 9.66 15.47 10.07
N THR A 70 8.65 14.61 10.00
CA THR A 70 7.35 14.97 10.58
C THR A 70 7.27 14.65 12.08
N ASN A 71 7.99 13.62 12.50
CA ASN A 71 7.96 13.16 13.89
C ASN A 71 6.55 12.63 14.15
N LEU A 72 5.85 12.28 13.08
CA LEU A 72 4.48 11.76 13.16
C LEU A 72 4.35 10.64 14.18
N VAL A 73 5.20 9.61 14.06
CA VAL A 73 5.17 8.47 14.97
C VAL A 73 6.49 8.33 15.75
N TYR A 74 7.06 9.49 16.09
CA TYR A 74 8.32 9.54 16.81
C TYR A 74 8.36 8.58 18.02
N PRO A 75 7.33 8.61 18.87
CA PRO A 75 7.26 7.73 20.06
C PRO A 75 7.28 6.23 19.73
N ALA A 76 6.90 5.86 18.50
CA ALA A 76 6.87 4.45 18.15
C ALA A 76 8.18 3.94 17.59
N LEU A 77 9.10 4.84 17.27
CA LEU A 77 10.36 4.41 16.71
C LEU A 77 11.12 3.43 17.60
N LYS A 78 10.78 3.39 18.88
CA LYS A 78 11.46 2.48 19.81
C LYS A 78 10.81 1.10 19.76
N TRP A 79 9.64 1.01 19.14
CA TRP A 79 8.91 -0.24 19.03
C TRP A 79 9.73 -1.37 18.39
N ASP A 80 9.47 -2.59 18.84
CA ASP A 80 10.11 -3.79 18.33
C ASP A 80 9.29 -4.96 18.89
N LEU A 81 9.56 -6.17 18.46
CA LEU A 81 8.80 -7.33 18.93
C LEU A 81 8.70 -7.46 20.45
N GLU A 82 9.83 -7.40 21.15
CA GLU A 82 9.82 -7.53 22.61
C GLU A 82 8.93 -6.48 23.28
N TYR A 83 9.17 -5.21 22.97
CA TYR A 83 8.40 -4.13 23.54
C TYR A 83 6.90 -4.28 23.29
N LEU A 84 6.52 -4.51 22.04
CA LEU A 84 5.12 -4.66 21.70
C LEU A 84 4.43 -5.82 22.42
N GLN A 85 5.13 -6.95 22.53
CA GLN A 85 4.55 -8.10 23.20
C GLN A 85 4.23 -7.78 24.65
N GLU A 86 5.12 -7.05 25.31
CA GLU A 86 4.93 -6.66 26.70
C GLU A 86 4.04 -5.45 26.89
N ASN A 87 3.50 -4.89 25.81
CA ASN A 87 2.66 -3.71 25.98
C ASN A 87 1.44 -3.56 25.08
N ILE A 88 1.37 -4.33 24.01
CA ILE A 88 0.26 -4.21 23.07
C ILE A 88 -1.09 -4.80 23.56
N GLY A 89 -1.02 -5.62 24.61
CA GLY A 89 -2.25 -6.19 25.14
C GLY A 89 -2.46 -7.64 24.74
N ASN A 90 -3.63 -8.18 25.07
CA ASN A 90 -3.94 -9.57 24.76
C ASN A 90 -5.13 -9.70 23.81
N GLY A 91 -5.33 -8.70 22.97
CA GLY A 91 -6.42 -8.74 22.01
C GLY A 91 -6.03 -9.66 20.86
N ASP A 92 -6.96 -9.85 19.92
CA ASP A 92 -6.70 -10.71 18.76
C ASP A 92 -6.04 -9.92 17.63
N PHE A 93 -5.07 -10.54 16.97
CA PHE A 93 -4.37 -9.93 15.85
C PHE A 93 -4.49 -10.77 14.59
N SER A 94 -5.00 -10.16 13.52
CA SER A 94 -5.14 -10.87 12.24
C SER A 94 -3.76 -11.19 11.71
N VAL A 95 -3.47 -12.47 11.47
CA VAL A 95 -2.18 -12.88 10.95
C VAL A 95 -2.38 -13.72 9.70
N TYR A 96 -1.73 -13.30 8.61
CA TYR A 96 -1.84 -13.99 7.33
C TYR A 96 -0.61 -14.84 7.03
N SER A 97 -0.84 -16.10 6.70
CA SER A 97 0.26 -17.00 6.38
C SER A 97 0.18 -17.32 4.89
N ALA A 98 1.34 -17.55 4.27
CA ALA A 98 1.37 -17.85 2.84
C ALA A 98 2.62 -18.64 2.44
N SER A 99 2.49 -19.40 1.34
CA SER A 99 3.59 -20.21 0.84
C SER A 99 4.46 -19.42 -0.14
N THR A 100 4.05 -18.20 -0.46
CA THR A 100 4.80 -17.35 -1.39
C THR A 100 5.13 -16.00 -0.76
N HIS A 101 6.05 -15.25 -1.37
CA HIS A 101 6.43 -13.94 -0.84
C HIS A 101 5.34 -12.90 -1.09
N LYS A 102 4.39 -13.24 -1.95
CA LYS A 102 3.29 -12.32 -2.27
C LYS A 102 2.06 -12.53 -1.39
N PHE A 103 1.63 -11.45 -0.74
CA PHE A 103 0.45 -11.49 0.11
C PHE A 103 -0.69 -10.72 -0.53
N LEU A 104 -1.33 -11.34 -1.51
CA LEU A 104 -2.44 -10.70 -2.20
C LEU A 104 -3.63 -10.51 -1.27
N TYR A 105 -4.15 -9.29 -1.24
CA TYR A 105 -5.31 -8.98 -0.40
C TYR A 105 -6.60 -9.44 -1.06
N TYR A 106 -7.51 -9.98 -0.25
CA TYR A 106 -8.80 -10.46 -0.73
C TYR A 106 -9.91 -10.06 0.26
N ASP A 107 -11.08 -9.75 -0.29
CA ASP A 107 -12.24 -9.35 0.51
C ASP A 107 -13.07 -10.61 0.76
N GLU A 108 -13.18 -11.00 2.03
CA GLU A 108 -13.92 -12.21 2.38
C GLU A 108 -15.43 -12.08 2.18
N LYS A 109 -15.95 -10.86 2.26
CA LYS A 109 -17.38 -10.65 2.08
C LYS A 109 -17.76 -10.90 0.62
N LYS A 110 -16.78 -10.82 -0.26
CA LYS A 110 -17.00 -11.03 -1.69
C LYS A 110 -16.66 -12.44 -2.14
N MET A 111 -16.24 -13.29 -1.22
CA MET A 111 -15.89 -14.66 -1.59
C MET A 111 -17.14 -15.49 -1.88
N ALA A 112 -18.31 -14.89 -1.67
CA ALA A 112 -19.57 -15.58 -1.93
C ALA A 112 -19.92 -15.50 -3.41
N ASN A 113 -19.54 -14.40 -4.05
CA ASN A 113 -19.79 -14.19 -5.48
C ASN A 113 -18.89 -15.08 -6.34
N PHE A 114 -17.74 -15.45 -5.82
CA PHE A 114 -16.82 -16.29 -6.58
C PHE A 114 -16.35 -17.49 -5.75
N GLN A 115 -17.02 -18.63 -5.91
CA GLN A 115 -16.67 -19.83 -5.15
C GLN A 115 -15.43 -20.53 -5.69
N ASN A 116 -15.16 -20.37 -6.98
CA ASN A 116 -14.00 -20.99 -7.61
C ASN A 116 -12.74 -20.18 -7.29
N PHE A 117 -12.77 -19.47 -6.17
CA PHE A 117 -11.65 -18.66 -5.74
C PHE A 117 -11.11 -19.14 -4.40
N LYS A 118 -9.82 -19.44 -4.36
CA LYS A 118 -9.19 -19.88 -3.13
C LYS A 118 -7.95 -19.00 -2.91
N PRO A 119 -7.92 -18.26 -1.80
CA PRO A 119 -6.80 -17.37 -1.47
C PRO A 119 -5.46 -18.08 -1.31
N ARG A 120 -4.38 -17.40 -1.71
CA ARG A 120 -3.03 -17.96 -1.61
C ARG A 120 -2.52 -17.83 -0.19
N SER A 121 -3.25 -17.08 0.64
CA SER A 121 -2.88 -16.87 2.04
C SER A 121 -4.13 -16.97 2.91
N ASN A 122 -3.99 -17.51 4.11
CA ASN A 122 -5.11 -17.65 5.03
C ASN A 122 -4.95 -16.79 6.28
N ARG A 123 -6.08 -16.26 6.75
CA ARG A 123 -6.10 -15.42 7.95
C ARG A 123 -6.21 -16.31 9.17
N GLU A 124 -5.51 -15.92 10.23
CA GLU A 124 -5.49 -16.68 11.49
C GLU A 124 -5.39 -15.72 12.67
N GLU A 125 -6.47 -15.60 13.44
CA GLU A 125 -6.49 -14.71 14.60
C GLU A 125 -5.65 -15.30 15.72
N MET A 126 -5.04 -14.42 16.52
CA MET A 126 -4.21 -14.85 17.63
C MET A 126 -3.72 -13.69 18.48
N LYS A 127 -3.10 -14.01 19.63
CA LYS A 127 -2.57 -13.00 20.54
C LYS A 127 -1.15 -12.67 20.06
N PHE A 128 -0.70 -11.46 20.32
CA PHE A 128 0.62 -11.04 19.87
C PHE A 128 1.72 -12.01 20.23
N HIS A 129 1.72 -12.50 21.47
CA HIS A 129 2.75 -13.42 21.92
C HIS A 129 2.74 -14.70 21.08
N GLU A 130 1.57 -15.03 20.53
CA GLU A 130 1.44 -16.22 19.70
C GLU A 130 2.10 -15.97 18.35
N PHE A 131 1.92 -14.76 17.82
CA PHE A 131 2.50 -14.38 16.55
C PHE A 131 4.02 -14.41 16.70
N VAL A 132 4.52 -13.86 17.80
CA VAL A 132 5.95 -13.84 18.04
C VAL A 132 6.45 -15.29 18.15
N GLU A 133 5.58 -16.16 18.65
CA GLU A 133 5.91 -17.57 18.80
C GLU A 133 6.01 -18.24 17.45
N LYS A 134 4.90 -18.24 16.70
CA LYS A 134 4.86 -18.84 15.38
C LYS A 134 6.04 -18.35 14.55
N LEU A 135 6.37 -17.08 14.70
CA LEU A 135 7.47 -16.47 13.98
C LEU A 135 8.81 -17.03 14.47
N GLN A 136 8.95 -17.12 15.79
CA GLN A 136 10.18 -17.64 16.40
C GLN A 136 10.41 -19.07 15.92
N ASP A 137 9.33 -19.84 15.84
CA ASP A 137 9.40 -21.23 15.40
C ASP A 137 10.02 -21.30 14.01
N ILE A 138 9.40 -20.63 13.06
CA ILE A 138 9.85 -20.60 11.68
C ILE A 138 11.31 -20.17 11.54
N GLN A 139 11.69 -19.11 12.26
CA GLN A 139 13.05 -18.61 12.19
C GLN A 139 14.10 -19.63 12.62
N GLN A 140 13.80 -20.41 13.65
CA GLN A 140 14.74 -21.40 14.14
C GLN A 140 14.55 -22.75 13.46
N ARG A 141 13.31 -23.04 13.06
CA ARG A 141 13.03 -24.29 12.39
C ARG A 141 13.56 -24.26 10.97
N GLY A 142 13.89 -23.07 10.50
CA GLY A 142 14.39 -22.92 9.14
C GLY A 142 13.28 -23.11 8.13
N GLY A 143 12.05 -22.87 8.57
CA GLY A 143 10.90 -23.02 7.69
C GLY A 143 10.86 -22.03 6.55
N GLU A 144 10.01 -22.31 5.56
CA GLU A 144 9.87 -21.43 4.39
C GLU A 144 8.57 -20.64 4.51
N GLU A 145 7.75 -20.98 5.50
CA GLU A 145 6.49 -20.30 5.72
C GLU A 145 6.70 -18.81 5.94
N ARG A 146 5.78 -17.99 5.45
CA ARG A 146 5.89 -16.54 5.61
C ARG A 146 4.67 -16.01 6.32
N LEU A 147 4.88 -15.03 7.20
CA LEU A 147 3.80 -14.45 7.96
C LEU A 147 3.77 -12.94 7.76
N TYR A 148 2.59 -12.35 7.93
CA TYR A 148 2.44 -10.92 7.79
C TYR A 148 1.28 -10.50 8.69
N LEU A 149 1.59 -9.73 9.72
CA LEU A 149 0.56 -9.26 10.65
C LEU A 149 0.00 -7.93 10.18
N GLN A 150 -1.32 -7.84 10.11
CA GLN A 150 -2.00 -6.63 9.68
C GLN A 150 -3.23 -6.49 10.55
N GLN A 151 -3.14 -5.65 11.56
CA GLN A 151 -4.24 -5.46 12.49
C GLN A 151 -4.48 -3.99 12.79
N THR A 152 -5.71 -3.53 12.64
CA THR A 152 -6.04 -2.15 12.94
C THR A 152 -5.90 -1.97 14.45
N LEU A 153 -5.33 -0.85 14.87
CA LEU A 153 -5.14 -0.57 16.30
C LEU A 153 -6.46 -0.22 16.94
N ASN A 154 -6.93 -1.08 17.85
CA ASN A 154 -8.18 -0.86 18.55
C ASN A 154 -8.03 -0.46 20.01
N ASP A 155 -9.15 -0.22 20.67
CA ASP A 155 -9.16 0.19 22.07
C ASP A 155 -8.76 -0.87 23.08
N THR A 156 -8.15 -1.96 22.63
CA THR A 156 -7.76 -3.02 23.56
C THR A 156 -6.23 -3.15 23.68
N VAL A 157 -5.52 -2.07 23.38
CA VAL A 157 -4.07 -2.07 23.47
C VAL A 157 -3.58 -1.59 24.83
N GLY A 158 -2.41 -2.08 25.23
CA GLY A 158 -1.84 -1.72 26.52
C GLY A 158 -1.64 -0.26 26.83
N ARG A 159 -1.33 0.04 28.09
CA ARG A 159 -1.11 1.40 28.55
C ARG A 159 0.04 2.13 27.87
N LYS A 160 1.22 1.50 27.82
CA LYS A 160 2.37 2.15 27.20
C LYS A 160 2.16 2.42 25.71
N ILE A 161 1.46 1.50 25.04
CA ILE A 161 1.18 1.65 23.61
C ILE A 161 0.27 2.87 23.44
N VAL A 162 -0.70 3.01 24.33
CA VAL A 162 -1.62 4.15 24.27
C VAL A 162 -0.84 5.44 24.53
N MET A 163 0.20 5.34 25.35
CA MET A 163 1.03 6.49 25.68
C MET A 163 1.74 6.96 24.41
N ASP A 164 2.45 6.04 23.76
CA ASP A 164 3.15 6.37 22.53
C ASP A 164 2.18 6.99 21.54
N PHE A 165 1.01 6.35 21.38
CA PHE A 165 -0.02 6.83 20.47
C PHE A 165 -0.32 8.31 20.68
N LEU A 166 -0.44 8.68 21.95
CA LEU A 166 -0.74 10.06 22.32
C LEU A 166 0.43 10.99 21.95
N GLY A 167 1.64 10.43 21.92
CA GLY A 167 2.79 11.23 21.58
C GLY A 167 2.96 11.46 20.08
N PHE A 168 2.05 10.94 19.26
CA PHE A 168 2.14 11.12 17.82
C PHE A 168 2.00 12.60 17.50
N ASN A 169 2.51 13.03 16.34
CA ASN A 169 2.42 14.45 15.99
C ASN A 169 1.06 14.80 15.38
N TRP A 170 0.03 14.78 16.23
CA TRP A 170 -1.32 15.07 15.80
C TRP A 170 -1.47 16.50 15.34
N ASN A 171 -0.62 17.39 15.86
CA ASN A 171 -0.69 18.79 15.48
C ASN A 171 -0.43 18.92 13.98
N TRP A 172 0.56 18.17 13.48
CA TRP A 172 0.91 18.21 12.07
C TRP A 172 -0.17 17.59 11.16
N ILE A 173 -0.52 16.34 11.44
CA ILE A 173 -1.48 15.63 10.61
C ILE A 173 -2.89 16.22 10.69
N ASN A 174 -3.30 16.69 11.87
CA ASN A 174 -4.63 17.28 11.97
C ASN A 174 -4.71 18.52 11.10
N LYS A 175 -3.62 19.25 10.94
CA LYS A 175 -3.63 20.43 10.10
C LYS A 175 -3.65 20.00 8.63
N GLN A 176 -3.02 18.86 8.34
CA GLN A 176 -3.02 18.34 6.98
C GLN A 176 -4.45 17.96 6.64
N GLN A 177 -5.09 17.21 7.54
CA GLN A 177 -6.46 16.80 7.36
C GLN A 177 -7.34 18.03 7.09
N GLY A 178 -7.15 19.07 7.89
CA GLY A 178 -7.94 20.29 7.72
C GLY A 178 -7.68 21.05 6.43
N LYS A 179 -6.41 21.20 6.06
CA LYS A 179 -6.07 21.93 4.84
C LYS A 179 -6.47 21.23 3.55
N ARG A 180 -6.61 19.90 3.60
CA ARG A 180 -7.00 19.13 2.42
C ARG A 180 -8.51 18.88 2.36
N GLY A 181 -9.21 19.26 3.44
CA GLY A 181 -10.65 19.07 3.47
C GLY A 181 -11.04 17.61 3.62
N TRP A 182 -10.05 16.76 3.83
CA TRP A 182 -10.30 15.33 3.99
C TRP A 182 -11.35 15.06 5.06
N GLY A 183 -11.88 13.84 5.05
CA GLY A 183 -12.87 13.46 6.03
C GLY A 183 -12.20 13.02 7.32
N GLN A 184 -12.87 12.16 8.07
CA GLN A 184 -12.35 11.67 9.34
C GLN A 184 -11.27 10.61 9.17
N LEU A 185 -10.48 10.40 10.23
CA LEU A 185 -9.45 9.38 10.24
C LEU A 185 -10.28 8.12 10.40
N THR A 186 -10.17 7.19 9.47
CA THR A 186 -10.95 5.96 9.58
C THR A 186 -10.26 4.88 10.40
N SER A 187 -8.95 4.76 10.25
CA SER A 187 -8.24 3.73 10.99
C SER A 187 -6.72 3.86 10.94
N ASN A 188 -6.05 3.02 11.71
CA ASN A 188 -4.60 2.98 11.79
C ASN A 188 -4.24 1.51 11.71
N LEU A 189 -3.60 1.11 10.62
CA LEU A 189 -3.22 -0.28 10.45
C LEU A 189 -1.77 -0.51 10.85
N LEU A 190 -1.55 -1.49 11.71
CA LEU A 190 -0.22 -1.84 12.16
C LEU A 190 0.23 -3.02 11.30
N LEU A 191 1.38 -2.87 10.63
CA LEU A 191 1.88 -3.94 9.77
C LEU A 191 3.24 -4.45 10.23
N ILE A 192 3.36 -5.76 10.41
CA ILE A 192 4.62 -6.33 10.82
C ILE A 192 4.85 -7.52 9.93
N GLY A 193 5.78 -7.39 9.00
CA GLY A 193 6.06 -8.47 8.08
C GLY A 193 7.48 -8.98 8.12
N MET A 194 7.70 -10.12 7.48
CA MET A 194 9.01 -10.72 7.43
C MET A 194 9.77 -10.16 6.24
N GLU A 195 11.09 -10.16 6.32
CA GLU A 195 11.93 -9.68 5.24
C GLU A 195 11.52 -10.39 3.94
N GLY A 196 11.46 -9.64 2.84
CA GLY A 196 11.09 -10.21 1.57
C GLY A 196 9.61 -10.18 1.24
N ASN A 197 8.79 -9.97 2.26
CA ASN A 197 7.34 -9.91 2.09
C ASN A 197 6.93 -8.87 1.03
N VAL A 198 5.83 -9.14 0.32
CA VAL A 198 5.36 -8.23 -0.70
C VAL A 198 3.86 -8.07 -0.73
N THR A 199 3.40 -6.83 -0.82
CA THR A 199 1.97 -6.54 -0.93
C THR A 199 1.79 -6.11 -2.40
N PRO A 200 1.20 -7.00 -3.24
CA PRO A 200 0.94 -6.77 -4.66
C PRO A 200 0.30 -5.42 -4.94
N ALA A 201 0.53 -4.91 -6.16
CA ALA A 201 0.01 -3.63 -6.59
C ALA A 201 -1.50 -3.55 -6.48
N HIS A 202 -1.98 -2.43 -5.91
CA HIS A 202 -3.39 -2.19 -5.70
C HIS A 202 -3.61 -0.74 -5.32
N TYR A 203 -4.87 -0.32 -5.30
CA TYR A 203 -5.17 1.04 -4.89
C TYR A 203 -6.22 1.06 -3.77
N ASP A 204 -6.27 2.17 -3.04
CA ASP A 204 -7.22 2.32 -1.94
C ASP A 204 -8.06 3.57 -2.17
N GLU A 205 -9.29 3.53 -1.65
CA GLU A 205 -10.22 4.64 -1.77
C GLU A 205 -10.15 5.47 -0.48
N GLN A 206 -8.92 5.73 -0.03
CA GLN A 206 -8.66 6.53 1.16
C GLN A 206 -7.35 7.29 0.94
N GLN A 207 -7.18 8.42 1.62
CA GLN A 207 -5.95 9.20 1.54
C GLN A 207 -5.06 8.50 2.58
N ASN A 208 -3.76 8.37 2.34
CA ASN A 208 -2.93 7.62 3.28
C ASN A 208 -1.55 8.20 3.62
N PHE A 209 -1.27 8.31 4.92
CA PHE A 209 0.02 8.75 5.40
C PHE A 209 0.59 7.46 5.94
N PHE A 210 1.59 6.96 5.22
CA PHE A 210 2.27 5.70 5.49
C PHE A 210 3.55 6.00 6.27
N ALA A 211 3.49 5.76 7.59
CA ALA A 211 4.60 6.00 8.53
C ALA A 211 5.49 4.79 8.83
N GLN A 212 6.74 4.83 8.35
CA GLN A 212 7.68 3.73 8.56
C GLN A 212 8.30 3.80 9.95
N ILE A 213 8.44 2.65 10.60
CA ILE A 213 8.94 2.60 11.97
C ILE A 213 10.18 1.75 12.14
N LYS A 214 10.13 0.51 11.64
CA LYS A 214 11.28 -0.37 11.77
C LYS A 214 11.54 -1.01 10.42
N GLY A 215 12.81 -1.19 10.08
CA GLY A 215 13.15 -1.80 8.81
C GLY A 215 12.93 -0.91 7.62
N TYR A 216 13.23 -1.42 6.44
CA TYR A 216 13.04 -0.61 5.25
C TYR A 216 12.08 -1.25 4.28
N LYS A 217 11.31 -0.40 3.60
CA LYS A 217 10.34 -0.84 2.61
C LYS A 217 10.47 -0.06 1.29
N ARG A 218 10.42 -0.81 0.18
CA ARG A 218 10.48 -0.22 -1.15
C ARG A 218 9.02 -0.05 -1.60
N CYS A 219 8.64 1.19 -1.89
CA CYS A 219 7.26 1.47 -2.29
C CYS A 219 7.25 1.93 -3.74
N ILE A 220 6.52 1.21 -4.60
CA ILE A 220 6.41 1.56 -6.02
C ILE A 220 4.97 1.98 -6.30
N LEU A 221 4.77 3.24 -6.67
CA LEU A 221 3.45 3.76 -6.94
C LEU A 221 3.21 3.98 -8.43
N PHE A 222 1.94 4.02 -8.84
CA PHE A 222 1.55 4.27 -10.22
C PHE A 222 0.37 5.24 -10.14
N PRO A 223 0.40 6.29 -10.97
CA PRO A 223 -0.68 7.27 -10.97
C PRO A 223 -1.99 6.61 -11.41
N PRO A 224 -3.13 7.20 -11.03
CA PRO A 224 -4.46 6.68 -11.38
C PRO A 224 -4.65 6.51 -12.90
N ASP A 225 -3.97 7.33 -13.71
CA ASP A 225 -4.13 7.22 -15.17
C ASP A 225 -3.49 6.03 -15.82
N GLN A 226 -2.93 5.14 -15.01
CA GLN A 226 -2.34 3.94 -15.56
C GLN A 226 -3.26 2.74 -15.29
N PHE A 227 -4.53 3.01 -15.04
CA PHE A 227 -5.54 1.96 -14.80
C PHE A 227 -5.51 0.92 -15.96
N GLU A 228 -5.44 1.42 -17.19
CA GLU A 228 -5.43 0.54 -18.35
C GLU A 228 -4.19 -0.33 -18.50
N CYS A 229 -3.14 -0.05 -17.72
CA CYS A 229 -1.92 -0.86 -17.76
C CYS A 229 -1.83 -1.85 -16.60
N LEU A 230 -2.70 -1.69 -15.60
CA LEU A 230 -2.65 -2.56 -14.41
C LEU A 230 -3.75 -3.60 -14.24
N TYR A 231 -4.77 -3.52 -15.07
CA TYR A 231 -5.87 -4.49 -15.08
C TYR A 231 -6.37 -5.00 -13.72
N PRO A 232 -7.07 -4.16 -12.95
CA PRO A 232 -7.55 -4.62 -11.66
C PRO A 232 -8.65 -5.68 -11.89
N TYR A 233 -8.86 -6.56 -10.92
CA TYR A 233 -9.88 -7.60 -11.00
C TYR A 233 -11.25 -6.90 -11.06
N PRO A 234 -12.34 -7.65 -11.36
CA PRO A 234 -13.68 -7.08 -11.43
C PRO A 234 -14.05 -6.57 -10.03
N VAL A 235 -14.83 -5.49 -9.96
CA VAL A 235 -15.25 -4.88 -8.70
C VAL A 235 -15.90 -5.86 -7.71
N HIS A 236 -16.69 -6.80 -8.22
CA HIS A 236 -17.36 -7.80 -7.36
C HIS A 236 -16.47 -8.95 -6.97
N HIS A 237 -15.31 -9.07 -7.60
CA HIS A 237 -14.38 -10.15 -7.26
C HIS A 237 -13.76 -9.82 -5.89
N PRO A 238 -13.39 -10.86 -5.12
CA PRO A 238 -12.78 -10.64 -3.80
C PRO A 238 -11.47 -9.85 -3.88
N CYS A 239 -10.76 -9.96 -5.01
CA CYS A 239 -9.52 -9.22 -5.14
C CYS A 239 -9.71 -7.85 -5.79
N ASP A 240 -10.92 -7.31 -5.67
CA ASP A 240 -11.27 -5.99 -6.18
C ASP A 240 -10.20 -4.95 -5.79
N ARG A 241 -9.81 -4.08 -6.73
CA ARG A 241 -8.81 -3.02 -6.50
C ARG A 241 -7.36 -3.50 -6.60
N GLN A 242 -7.15 -4.81 -6.68
CA GLN A 242 -5.80 -5.35 -6.79
C GLN A 242 -5.52 -5.55 -8.28
N SER A 243 -4.24 -5.66 -8.65
CA SER A 243 -3.86 -5.85 -10.04
C SER A 243 -3.84 -7.34 -10.36
N GLN A 244 -4.28 -7.72 -11.55
CA GLN A 244 -4.27 -9.13 -11.95
C GLN A 244 -2.88 -9.51 -12.48
N VAL A 245 -2.07 -8.50 -12.81
CA VAL A 245 -0.74 -8.73 -13.34
C VAL A 245 0.25 -9.24 -12.32
N ASP A 246 0.86 -10.39 -12.60
CA ASP A 246 1.88 -10.98 -11.72
C ASP A 246 3.20 -10.27 -12.06
N PHE A 247 3.60 -9.32 -11.23
CA PHE A 247 4.84 -8.55 -11.43
C PHE A 247 6.08 -9.43 -11.61
N ASP A 248 6.07 -10.62 -11.04
CA ASP A 248 7.23 -11.50 -11.19
C ASP A 248 7.24 -12.22 -12.55
N ASN A 249 6.06 -12.45 -13.13
CA ASN A 249 5.96 -13.13 -14.43
C ASN A 249 4.76 -12.59 -15.20
N PRO A 250 4.89 -11.37 -15.76
CA PRO A 250 3.83 -10.69 -16.50
C PRO A 250 3.34 -11.46 -17.72
N ASP A 251 2.02 -11.52 -17.88
CA ASP A 251 1.44 -12.20 -19.03
C ASP A 251 1.04 -11.11 -20.03
N TYR A 252 1.99 -10.71 -20.86
CA TYR A 252 1.76 -9.66 -21.85
C TYR A 252 0.69 -9.99 -22.88
N GLU A 253 0.27 -11.26 -22.93
CA GLU A 253 -0.77 -11.67 -23.86
C GLU A 253 -2.12 -11.21 -23.32
N ARG A 254 -2.36 -11.41 -22.03
CA ARG A 254 -3.62 -10.99 -21.44
C ARG A 254 -3.57 -9.51 -21.04
N PHE A 255 -2.37 -9.04 -20.70
CA PHE A 255 -2.21 -7.66 -20.25
C PHE A 255 -1.16 -6.90 -21.07
N PRO A 256 -1.42 -6.73 -22.37
CA PRO A 256 -0.48 -6.04 -23.26
C PRO A 256 0.03 -4.69 -22.78
N ASN A 257 -0.85 -3.85 -22.26
CA ASN A 257 -0.45 -2.51 -21.81
C ASN A 257 0.44 -2.47 -20.57
N PHE A 258 0.71 -3.60 -19.95
CA PHE A 258 1.57 -3.58 -18.78
C PHE A 258 3.01 -3.28 -19.28
N GLN A 259 3.19 -3.32 -20.60
CA GLN A 259 4.49 -3.08 -21.23
C GLN A 259 4.80 -1.59 -21.30
N ASN A 260 3.78 -0.77 -21.04
CA ASN A 260 3.90 0.67 -21.06
C ASN A 260 3.83 1.28 -19.66
N VAL A 261 3.78 0.45 -18.63
CA VAL A 261 3.68 0.96 -17.28
C VAL A 261 4.97 1.62 -16.77
N VAL A 262 4.82 2.77 -16.11
CA VAL A 262 5.97 3.50 -15.55
C VAL A 262 5.64 3.90 -14.11
N GLY A 263 6.45 3.44 -13.16
CA GLY A 263 6.20 3.75 -11.76
C GLY A 263 7.03 4.85 -11.10
N TYR A 264 6.73 5.10 -9.83
CA TYR A 264 7.42 6.09 -9.00
C TYR A 264 7.77 5.29 -7.76
N GLU A 265 9.06 5.19 -7.44
CA GLU A 265 9.47 4.41 -6.29
C GLU A 265 10.35 5.16 -5.29
N THR A 266 10.57 4.53 -4.14
CA THR A 266 11.38 5.13 -3.09
C THR A 266 11.53 4.08 -2.01
N VAL A 267 12.53 4.26 -1.17
CA VAL A 267 12.73 3.33 -0.07
C VAL A 267 12.56 4.14 1.21
N VAL A 268 11.58 3.75 2.04
CA VAL A 268 11.33 4.47 3.29
C VAL A 268 11.93 3.75 4.48
N GLY A 269 12.41 4.53 5.44
CA GLY A 269 13.00 3.95 6.63
C GLY A 269 12.47 4.57 7.92
N PRO A 270 12.95 4.11 9.09
CA PRO A 270 12.50 4.65 10.37
C PRO A 270 12.41 6.18 10.36
N GLY A 271 11.21 6.72 10.57
CA GLY A 271 11.03 8.16 10.59
C GLY A 271 10.42 8.79 9.36
N ASP A 272 10.48 8.08 8.24
CA ASP A 272 9.92 8.62 7.02
C ASP A 272 8.42 8.37 6.95
N VAL A 273 7.73 9.33 6.35
CA VAL A 273 6.30 9.26 6.15
C VAL A 273 6.09 9.48 4.64
N LEU A 274 5.43 8.52 4.00
CA LEU A 274 5.10 8.54 2.56
C LEU A 274 3.64 8.84 2.34
N TYR A 275 3.34 9.94 1.68
CA TYR A 275 1.97 10.27 1.39
C TYR A 275 1.59 9.46 0.13
N ILE A 276 0.61 8.57 0.24
CA ILE A 276 0.13 7.74 -0.88
C ILE A 276 -1.25 8.32 -1.19
N PRO A 277 -1.37 9.19 -2.22
CA PRO A 277 -2.66 9.79 -2.57
C PRO A 277 -3.71 8.73 -2.91
N MET A 278 -4.97 9.07 -2.63
CA MET A 278 -6.11 8.18 -2.88
C MET A 278 -6.15 7.80 -4.36
N TYR A 279 -6.42 6.52 -4.62
CA TYR A 279 -6.50 5.97 -5.99
C TYR A 279 -5.14 5.64 -6.64
N TRP A 280 -4.05 6.10 -6.03
CA TRP A 280 -2.74 5.79 -6.57
C TRP A 280 -2.42 4.35 -6.25
N TRP A 281 -1.97 3.63 -7.26
CA TRP A 281 -1.60 2.23 -7.10
C TRP A 281 -0.31 2.20 -6.29
N HIS A 282 -0.13 1.15 -5.49
CA HIS A 282 1.11 1.00 -4.76
C HIS A 282 1.46 -0.45 -4.56
N HIS A 283 2.75 -0.71 -4.71
CA HIS A 283 3.38 -2.01 -4.56
C HIS A 283 4.32 -1.80 -3.37
N ILE A 284 4.25 -2.64 -2.34
CA ILE A 284 5.12 -2.48 -1.17
C ILE A 284 5.84 -3.77 -0.80
N GLU A 285 7.17 -3.71 -0.71
CA GLU A 285 7.94 -4.90 -0.36
C GLU A 285 8.99 -4.59 0.69
N SER A 286 9.14 -5.50 1.66
CA SER A 286 10.12 -5.34 2.73
C SER A 286 11.44 -5.85 2.16
N LEU A 287 12.47 -5.00 2.16
CA LEU A 287 13.76 -5.38 1.59
C LEU A 287 14.23 -6.80 1.93
N LEU A 288 14.91 -7.41 0.97
CA LEU A 288 15.44 -8.77 1.11
C LEU A 288 16.53 -8.80 2.19
N ASN A 289 16.47 -9.77 3.07
CA ASN A 289 17.44 -9.92 4.15
C ASN A 289 17.58 -8.65 4.97
N GLY A 290 16.48 -7.94 5.15
CA GLY A 290 16.52 -6.70 5.90
C GLY A 290 15.92 -6.82 7.28
N GLY A 291 15.44 -8.01 7.62
CA GLY A 291 14.83 -8.22 8.92
C GLY A 291 13.37 -7.81 8.93
N ILE A 292 12.70 -7.97 10.07
CA ILE A 292 11.30 -7.60 10.15
C ILE A 292 11.11 -6.11 9.91
N THR A 293 9.92 -5.75 9.45
CA THR A 293 9.59 -4.35 9.19
C THR A 293 8.32 -4.01 9.95
N ILE A 294 8.22 -2.75 10.38
CA ILE A 294 7.06 -2.28 11.12
C ILE A 294 6.59 -0.97 10.51
N THR A 295 5.28 -0.86 10.33
CA THR A 295 4.69 0.32 9.72
C THR A 295 3.34 0.56 10.35
N VAL A 296 2.93 1.82 10.34
CA VAL A 296 1.62 2.20 10.81
C VAL A 296 1.10 3.20 9.78
N ASN A 297 -0.10 2.96 9.24
CA ASN A 297 -0.65 3.91 8.27
C ASN A 297 -1.75 4.73 8.91
N PHE A 298 -2.17 5.77 8.20
CA PHE A 298 -3.21 6.66 8.67
C PHE A 298 -4.14 6.87 7.49
N TRP A 299 -5.27 6.15 7.51
CA TRP A 299 -6.26 6.24 6.45
CA TRP A 299 -6.25 6.23 6.45
C TRP A 299 -7.29 7.30 6.74
N TYR A 300 -7.44 8.25 5.81
CA TYR A 300 -8.40 9.34 5.91
C TYR A 300 -9.38 9.31 4.75
N LYS A 301 -10.65 9.57 5.08
CA LYS A 301 -11.71 9.62 4.09
C LYS A 301 -11.33 10.77 3.17
N GLY A 302 -11.50 10.59 1.87
CA GLY A 302 -11.16 11.66 0.96
C GLY A 302 -12.12 12.82 1.10
N ALA A 303 -11.76 13.96 0.53
CA ALA A 303 -12.60 15.15 0.59
C ALA A 303 -13.90 14.91 -0.18
N PRO A 304 -14.98 15.63 0.19
CA PRO A 304 -16.25 15.46 -0.50
C PRO A 304 -16.19 15.92 -1.96
N THR A 305 -16.91 15.21 -2.83
CA THR A 305 -16.94 15.56 -4.24
C THR A 305 -17.59 16.93 -4.39
N PRO A 306 -16.94 17.84 -5.12
CA PRO A 306 -17.47 19.20 -5.33
C PRO A 306 -18.86 19.22 -5.99
N LYS A 307 -19.71 20.12 -5.50
CA LYS A 307 -21.07 20.27 -6.02
C LYS A 307 -21.05 20.47 -7.53
N ARG A 308 -20.06 21.21 -8.01
CA ARG A 308 -19.92 21.47 -9.44
C ARG A 308 -18.84 20.53 -9.99
N ILE A 309 -19.05 20.05 -11.22
CA ILE A 309 -18.08 19.16 -11.84
C ILE A 309 -17.43 19.85 -13.04
N GLU A 310 -16.13 20.11 -12.92
CA GLU A 310 -15.39 20.77 -13.99
C GLU A 310 -14.78 19.72 -14.91
N TYR A 311 -14.61 20.09 -16.17
CA TYR A 311 -14.04 19.19 -17.16
C TYR A 311 -12.72 19.74 -17.69
N PRO A 312 -11.79 18.86 -18.10
CA PRO A 312 -11.92 17.40 -18.12
C PRO A 312 -11.90 16.80 -16.72
N LEU A 313 -12.46 15.61 -16.58
CA LEU A 313 -12.47 14.90 -15.30
C LEU A 313 -11.04 14.48 -15.01
N LYS A 314 -10.75 14.18 -13.75
CA LYS A 314 -9.41 13.72 -13.40
C LYS A 314 -9.43 12.20 -13.56
N ALA A 315 -8.25 11.62 -13.71
CA ALA A 315 -8.17 10.18 -13.89
C ALA A 315 -8.95 9.40 -12.85
N HIS A 316 -8.83 9.80 -11.58
CA HIS A 316 -9.50 9.08 -10.49
C HIS A 316 -11.03 9.20 -10.53
N GLN A 317 -11.52 10.23 -11.20
CA GLN A 317 -12.97 10.40 -11.30
C GLN A 317 -13.53 9.39 -12.32
N LYS A 318 -12.74 9.09 -13.35
CA LYS A 318 -13.15 8.15 -14.38
C LYS A 318 -13.11 6.75 -13.76
N VAL A 319 -12.13 6.52 -12.89
CA VAL A 319 -12.02 5.23 -12.23
C VAL A 319 -13.27 5.06 -11.37
N ALA A 320 -13.70 6.14 -10.73
CA ALA A 320 -14.88 6.11 -9.87
C ALA A 320 -16.14 5.78 -10.67
N ILE A 321 -16.21 6.31 -11.88
CA ILE A 321 -17.34 6.08 -12.77
C ILE A 321 -17.39 4.62 -13.22
N MET A 322 -16.24 4.07 -13.59
CA MET A 322 -16.19 2.68 -14.01
C MET A 322 -16.63 1.79 -12.86
N ARG A 323 -16.12 2.06 -11.66
CA ARG A 323 -16.51 1.25 -10.51
C ARG A 323 -18.03 1.31 -10.31
N ASN A 324 -18.60 2.51 -10.41
CA ASN A 324 -20.03 2.69 -10.21
C ASN A 324 -20.83 1.88 -11.21
N ILE A 325 -20.42 1.94 -12.49
CA ILE A 325 -21.09 1.19 -13.53
C ILE A 325 -21.08 -0.31 -13.19
N GLU A 326 -19.91 -0.85 -12.83
CA GLU A 326 -19.84 -2.27 -12.49
C GLU A 326 -20.76 -2.64 -11.36
N LYS A 327 -20.81 -1.79 -10.33
CA LYS A 327 -21.66 -2.02 -9.17
C LYS A 327 -23.15 -2.02 -9.57
N MET A 328 -23.59 -0.95 -10.23
CA MET A 328 -25.00 -0.83 -10.65
C MET A 328 -25.44 -2.05 -11.47
N LEU A 329 -24.68 -2.34 -12.51
CA LEU A 329 -24.95 -3.44 -13.40
C LEU A 329 -25.09 -4.74 -12.59
N GLY A 330 -24.28 -4.87 -11.56
CA GLY A 330 -24.33 -6.07 -10.74
C GLY A 330 -25.66 -6.16 -9.99
N GLU A 331 -26.17 -5.02 -9.57
CA GLU A 331 -27.43 -4.98 -8.83
C GLU A 331 -28.61 -5.15 -9.77
N ALA A 332 -28.54 -4.50 -10.93
CA ALA A 332 -29.60 -4.56 -11.93
C ALA A 332 -29.80 -5.97 -12.49
N LEU A 333 -28.72 -6.64 -12.83
CA LEU A 333 -28.77 -8.00 -13.38
C LEU A 333 -29.10 -9.04 -12.32
N GLY A 334 -29.12 -8.62 -11.06
CA GLY A 334 -29.43 -9.53 -9.97
C GLY A 334 -28.34 -10.55 -9.72
N ASN A 335 -27.23 -10.44 -10.43
CA ASN A 335 -26.14 -11.37 -10.26
C ASN A 335 -24.86 -10.80 -10.85
N PRO A 336 -23.82 -10.64 -10.01
CA PRO A 336 -22.54 -10.09 -10.46
C PRO A 336 -21.84 -10.89 -11.55
N GLN A 337 -22.12 -12.19 -11.60
CA GLN A 337 -21.50 -13.07 -12.60
C GLN A 337 -21.90 -12.71 -14.03
N GLU A 338 -23.05 -12.07 -14.19
CA GLU A 338 -23.54 -11.69 -15.51
C GLU A 338 -23.02 -10.35 -16.00
N VAL A 339 -22.29 -9.63 -15.15
CA VAL A 339 -21.73 -8.33 -15.52
C VAL A 339 -20.85 -8.44 -16.78
N GLY A 340 -19.91 -9.37 -16.77
CA GLY A 340 -19.03 -9.53 -17.92
C GLY A 340 -19.75 -9.73 -19.25
N PRO A 341 -20.62 -10.74 -19.34
CA PRO A 341 -21.35 -10.99 -20.59
C PRO A 341 -22.10 -9.75 -21.11
N LEU A 342 -22.83 -9.07 -20.24
CA LEU A 342 -23.55 -7.89 -20.69
C LEU A 342 -22.60 -6.81 -21.23
N LEU A 343 -21.48 -6.56 -20.54
CA LEU A 343 -20.51 -5.54 -20.99
C LEU A 343 -19.95 -5.87 -22.38
N ASN A 344 -19.59 -7.12 -22.59
CA ASN A 344 -19.07 -7.56 -23.89
C ASN A 344 -20.14 -7.36 -24.97
N THR A 345 -21.36 -7.81 -24.68
CA THR A 345 -22.47 -7.65 -25.63
C THR A 345 -22.59 -6.17 -26.00
N MET A 346 -22.44 -5.30 -25.01
CA MET A 346 -22.54 -3.86 -25.23
C MET A 346 -21.50 -3.27 -26.17
N ILE A 347 -20.23 -3.70 -26.05
CA ILE A 347 -19.17 -3.15 -26.87
C ILE A 347 -18.78 -3.89 -28.16
N LYS A 348 -18.92 -5.21 -28.16
CA LYS A 348 -18.53 -5.99 -29.33
C LYS A 348 -19.18 -5.54 -30.62
N GLY A 349 -18.34 -5.09 -31.55
CA GLY A 349 -18.82 -4.63 -32.84
C GLY A 349 -19.54 -3.31 -32.76
N ARG A 350 -19.53 -2.68 -31.59
CA ARG A 350 -20.21 -1.41 -31.42
C ARG A 350 -19.27 -0.29 -30.95
N TYR A 351 -18.41 -0.60 -29.99
CA TYR A 351 -17.47 0.40 -29.47
C TYR A 351 -16.00 0.00 -29.58
N ASN A 352 -15.73 -1.22 -30.04
CA ASN A 352 -14.35 -1.66 -30.16
C ASN A 352 -13.88 -1.81 -31.61
#